data_5KQ8
#
_entry.id   5KQ8
#
_cell.length_a   98.477
_cell.length_b   98.477
_cell.length_c   68.495
_cell.angle_alpha   90.00
_cell.angle_beta   90.00
_cell.angle_gamma   120.00
#
_symmetry.space_group_name_H-M   'P 31 2 1'
#
loop_
_entity.id
_entity.type
_entity.pdbx_description
1 polymer 'Pantothenate kinase 3'
2 non-polymer 'AMP PHOSPHORAMIDATE'
3 non-polymer 'MAGNESIUM ION'
4 non-polymer 1,2-ETHANEDIOL
5 water water
#
_entity_poly.entity_id   1
_entity_poly.type   'polypeptide(L)'
_entity_poly.pdbx_seq_one_letter_code
;MGSSHHHHHHSSGLVPRGSPWFGMDIGGTLVKLSYFEPIDITAEEEQEEVESLKSIRKYLTSNVAYGSTGIRDVHLELKD
LTLFGRRGNLHFIRFPTQDLPTFIQMGRDKNFSTLQTVLCATGGGAYKFEKDFRTIGNLHLHKLDELDCLVKGLLYIDSV
SFNGQAECYYFANASEPERCQKMPFNLDDPYPLLVVNIGSGVSILAVHSKDNYKRVTGTSLGGGTFLGLCSLLTGCESFE
EALEMASKGDSTQADKLVRDIYGGDYERFGLPGWAVASSFGNMIYKEKRESVSKEDLARATLVTITNNIGSVARMCAVNE
KINRVVFVGNFLRVNTLSMKLLAYALDYWSKGQLKALFLEHEGYFGAVGALLGLPNFSDD
;
_entity_poly.pdbx_strand_id   A
#
# COMPACT_ATOMS: atom_id res chain seq x y z
N SER A 19 1.32 -19.11 -22.00
CA SER A 19 1.55 -18.90 -20.57
C SER A 19 1.27 -17.45 -20.16
N PRO A 20 0.24 -17.24 -19.32
CA PRO A 20 -0.09 -15.87 -18.91
C PRO A 20 1.00 -15.29 -18.02
N TRP A 21 1.28 -14.01 -18.19
CA TRP A 21 2.34 -13.34 -17.45
C TRP A 21 1.79 -12.67 -16.21
N PHE A 22 2.09 -13.26 -15.05
CA PHE A 22 1.67 -12.76 -13.73
C PHE A 22 2.86 -12.34 -12.87
N GLY A 23 2.62 -11.40 -11.97
CA GLY A 23 3.54 -11.15 -10.87
C GLY A 23 2.67 -11.20 -9.63
N MET A 24 3.15 -11.80 -8.54
CA MET A 24 2.31 -11.93 -7.37
C MET A 24 3.03 -11.56 -6.09
N ASP A 25 2.37 -10.75 -5.28
CA ASP A 25 2.90 -10.33 -4.00
C ASP A 25 1.94 -10.89 -2.95
N ILE A 26 2.38 -11.93 -2.23
CA ILE A 26 1.54 -12.52 -1.20
C ILE A 26 1.91 -11.98 0.18
N GLY A 27 1.13 -11.02 0.66
CA GLY A 27 1.38 -10.42 1.95
C GLY A 27 0.72 -11.09 3.15
N GLY A 28 0.90 -10.52 4.35
CA GLY A 28 0.25 -11.05 5.53
C GLY A 28 -1.26 -10.92 5.45
N THR A 29 -1.75 -9.90 4.74
CA THR A 29 -3.19 -9.62 4.69
C THR A 29 -3.80 -9.78 3.29
N LEU A 30 -3.13 -9.20 2.29
CA LEU A 30 -3.66 -9.21 0.92
C LEU A 30 -2.71 -9.87 -0.07
N VAL A 31 -3.27 -10.50 -1.09
CA VAL A 31 -2.50 -10.96 -2.23
C VAL A 31 -2.73 -9.93 -3.32
N LYS A 32 -1.64 -9.46 -3.90
CA LYS A 32 -1.70 -8.51 -4.99
C LYS A 32 -1.17 -9.18 -6.24
N LEU A 33 -1.88 -9.00 -7.34
CA LEU A 33 -1.52 -9.67 -8.58
C LEU A 33 -1.43 -8.63 -9.68
N SER A 34 -0.35 -8.66 -10.46
CA SER A 34 -0.28 -7.86 -11.68
C SER A 34 -0.30 -8.81 -12.86
N TYR A 35 -1.18 -8.53 -13.81
CA TYR A 35 -1.38 -9.37 -14.98
C TYR A 35 -1.18 -8.56 -16.24
N PHE A 36 -0.30 -9.03 -17.12
CA PHE A 36 -0.05 -8.34 -18.40
C PHE A 36 -0.85 -9.00 -19.51
N GLU A 37 -1.81 -8.27 -20.07
CA GLU A 37 -2.67 -8.78 -21.13
C GLU A 37 -2.17 -8.31 -22.49
N PRO A 38 -1.74 -9.25 -23.36
CA PRO A 38 -1.30 -8.88 -24.71
C PRO A 38 -2.46 -8.34 -25.53
N ILE A 39 -2.24 -7.26 -26.26
CA ILE A 39 -3.28 -6.70 -27.10
C ILE A 39 -2.80 -6.69 -28.55
N ASP A 40 -1.61 -7.23 -28.78
CA ASP A 40 -1.11 -7.39 -30.13
C ASP A 40 -1.11 -8.87 -30.55
N ILE A 41 -2.21 -9.55 -30.25
CA ILE A 41 -2.36 -10.96 -30.58
C ILE A 41 -2.73 -11.09 -32.06
N THR A 42 -1.77 -11.55 -32.86
CA THR A 42 -1.98 -11.66 -34.29
C THR A 42 -2.93 -12.81 -34.66
N ALA A 43 -3.02 -13.09 -35.94
CA ALA A 43 -3.94 -14.09 -36.47
C ALA A 43 -3.51 -15.52 -36.13
N GLU A 44 -2.21 -15.78 -36.23
CA GLU A 44 -1.69 -17.12 -35.98
C GLU A 44 -1.57 -17.40 -34.49
N GLU A 45 -1.19 -16.38 -33.73
CA GLU A 45 -1.03 -16.55 -32.28
C GLU A 45 -2.33 -17.00 -31.62
N GLU A 46 -3.44 -16.40 -32.01
CA GLU A 46 -4.73 -16.81 -31.47
C GLU A 46 -5.09 -18.20 -31.93
N GLN A 47 -4.84 -18.47 -33.22
CA GLN A 47 -5.11 -19.76 -33.84
C GLN A 47 -4.67 -20.88 -32.92
N GLU A 48 -5.63 -21.35 -32.13
CA GLU A 48 -5.39 -22.39 -31.15
C GLU A 48 -4.33 -22.00 -30.13
N GLU A 49 -4.48 -20.81 -29.57
CA GLU A 49 -4.00 -20.60 -28.23
C GLU A 49 -4.79 -21.63 -27.45
N VAL A 50 -4.16 -22.34 -26.51
CA VAL A 50 -4.86 -23.38 -25.76
C VAL A 50 -6.11 -22.79 -25.12
N GLU A 51 -7.20 -23.54 -25.17
CA GLU A 51 -8.51 -23.06 -24.74
C GLU A 51 -8.52 -22.45 -23.34
N SER A 52 -7.80 -23.09 -22.41
CA SER A 52 -7.73 -22.61 -21.04
C SER A 52 -7.03 -21.25 -21.00
N LEU A 53 -6.11 -20.99 -21.92
CA LEU A 53 -5.44 -19.70 -22.00
C LEU A 53 -6.41 -18.62 -22.45
N LYS A 54 -7.26 -18.95 -23.42
CA LYS A 54 -8.28 -18.01 -23.85
C LYS A 54 -9.28 -17.81 -22.70
N SER A 55 -9.62 -18.92 -22.02
CA SER A 55 -10.58 -18.87 -20.92
C SER A 55 -10.14 -17.95 -19.80
N ILE A 56 -8.86 -18.03 -19.44
CA ILE A 56 -8.28 -17.19 -18.40
C ILE A 56 -8.39 -15.73 -18.79
N ARG A 57 -7.95 -15.42 -20.01
CA ARG A 57 -7.93 -14.03 -20.45
C ARG A 57 -9.33 -13.44 -20.48
N LYS A 58 -10.28 -14.19 -21.01
CA LYS A 58 -11.67 -13.73 -21.08
C LYS A 58 -12.23 -13.50 -19.69
N TYR A 59 -12.02 -14.46 -18.79
CA TYR A 59 -12.50 -14.37 -17.41
C TYR A 59 -11.92 -13.15 -16.69
N LEU A 60 -10.64 -12.90 -16.90
CA LEU A 60 -9.96 -11.84 -16.17
C LEU A 60 -10.35 -10.45 -16.69
N THR A 61 -10.51 -10.33 -18.00
CA THR A 61 -10.89 -9.06 -18.63
C THR A 61 -12.40 -8.77 -18.67
N SER A 62 -13.23 -9.80 -18.52
CA SER A 62 -14.67 -9.59 -18.58
C SER A 62 -15.33 -9.49 -17.20
N ASN A 63 -14.53 -9.59 -16.13
CA ASN A 63 -15.04 -9.43 -14.78
C ASN A 63 -14.23 -8.41 -13.99
N VAL A 64 -14.91 -7.71 -13.08
CA VAL A 64 -14.21 -6.78 -12.19
C VAL A 64 -14.20 -7.33 -10.77
N ALA A 65 -15.10 -8.27 -10.50
CA ALA A 65 -15.09 -8.98 -9.21
C ALA A 65 -14.89 -10.45 -9.50
N TYR A 66 -14.08 -11.10 -8.70
CA TYR A 66 -13.73 -12.49 -8.95
C TYR A 66 -14.14 -13.32 -7.75
N GLY A 67 -15.13 -14.20 -7.93
CA GLY A 67 -15.71 -14.88 -6.79
C GLY A 67 -16.28 -13.86 -5.83
N SER A 68 -16.07 -14.07 -4.53
CA SER A 68 -16.67 -13.22 -3.52
C SER A 68 -15.74 -12.15 -2.99
N THR A 69 -14.44 -12.36 -3.12
CA THR A 69 -13.47 -11.50 -2.45
C THR A 69 -12.39 -10.91 -3.37
N GLY A 70 -12.44 -11.23 -4.65
CA GLY A 70 -11.45 -10.76 -5.59
C GLY A 70 -11.90 -9.49 -6.30
N ILE A 71 -10.97 -8.56 -6.49
CA ILE A 71 -11.30 -7.28 -7.08
C ILE A 71 -10.23 -6.82 -8.05
N ARG A 72 -10.64 -6.42 -9.24
CA ARG A 72 -9.74 -5.76 -10.16
C ARG A 72 -9.85 -4.25 -9.96
N ASP A 73 -8.73 -3.61 -9.67
CA ASP A 73 -8.72 -2.16 -9.56
C ASP A 73 -8.62 -1.54 -10.96
N VAL A 74 -9.75 -1.42 -11.64
CA VAL A 74 -9.78 -1.02 -13.05
C VAL A 74 -9.16 0.37 -13.32
N HIS A 75 -9.28 1.28 -12.37
CA HIS A 75 -8.81 2.65 -12.59
C HIS A 75 -7.29 2.72 -12.64
N LEU A 76 -6.62 1.70 -12.12
CA LEU A 76 -5.16 1.65 -12.08
C LEU A 76 -4.55 1.05 -13.33
N GLU A 77 -5.39 0.51 -14.20
CA GLU A 77 -4.91 -0.21 -15.36
C GLU A 77 -3.97 0.64 -16.23
N LEU A 78 -2.81 0.09 -16.58
CA LEU A 78 -1.91 0.75 -17.55
C LEU A 78 -2.11 0.20 -18.94
N LYS A 79 -2.46 1.08 -19.88
CA LYS A 79 -2.83 0.68 -21.23
C LYS A 79 -1.73 0.92 -22.25
N ASP A 80 -1.62 0.01 -23.21
CA ASP A 80 -0.68 0.15 -24.33
C ASP A 80 0.75 0.28 -23.82
N LEU A 81 1.06 -0.49 -22.78
CA LEU A 81 2.41 -0.59 -22.29
C LEU A 81 3.19 -1.54 -23.17
N THR A 82 4.45 -1.22 -23.44
CA THR A 82 5.35 -2.17 -24.07
C THR A 82 6.16 -2.91 -23.01
N LEU A 83 5.96 -4.22 -22.91
CA LEU A 83 6.68 -5.00 -21.93
C LEU A 83 7.19 -6.29 -22.56
N PHE A 84 8.47 -6.55 -22.38
CA PHE A 84 9.11 -7.73 -22.95
C PHE A 84 8.85 -7.85 -24.45
N GLY A 85 8.86 -6.71 -25.13
CA GLY A 85 8.74 -6.71 -26.58
C GLY A 85 7.33 -6.87 -27.11
N ARG A 86 6.37 -7.10 -26.22
CA ARG A 86 4.95 -7.14 -26.58
C ARG A 86 4.28 -5.87 -26.08
N ARG A 87 3.27 -5.39 -26.79
CA ARG A 87 2.47 -4.32 -26.22
C ARG A 87 1.22 -4.94 -25.60
N GLY A 88 0.72 -4.31 -24.54
CA GLY A 88 -0.38 -4.89 -23.79
C GLY A 88 -0.82 -4.00 -22.65
N ASN A 89 -1.81 -4.48 -21.90
CA ASN A 89 -2.32 -3.74 -20.75
C ASN A 89 -1.92 -4.43 -19.46
N LEU A 90 -1.53 -3.62 -18.47
CA LEU A 90 -1.14 -4.14 -17.19
C LEU A 90 -2.31 -3.98 -16.22
N HIS A 91 -2.82 -5.10 -15.71
CA HIS A 91 -3.94 -5.09 -14.80
C HIS A 91 -3.52 -5.32 -13.36
N PHE A 92 -4.32 -4.80 -12.44
CA PHE A 92 -4.04 -4.89 -11.01
C PHE A 92 -5.23 -5.50 -10.26
N ILE A 93 -4.95 -6.57 -9.53
CA ILE A 93 -5.99 -7.40 -8.91
C ILE A 93 -5.55 -7.71 -7.48
N ARG A 94 -6.51 -7.75 -6.55
CA ARG A 94 -6.20 -8.05 -5.16
C ARG A 94 -7.26 -8.96 -4.54
N PHE A 95 -6.86 -9.77 -3.57
CA PHE A 95 -7.80 -10.58 -2.81
C PHE A 95 -7.16 -10.93 -1.47
N PRO A 96 -7.98 -11.34 -0.48
CA PRO A 96 -7.37 -11.62 0.83
C PRO A 96 -6.53 -12.90 0.81
N THR A 97 -5.40 -12.85 1.52
CA THR A 97 -4.51 -13.99 1.62
C THR A 97 -5.25 -15.19 2.20
N GLN A 98 -6.19 -14.92 3.09
CA GLN A 98 -7.07 -15.93 3.66
C GLN A 98 -7.72 -16.80 2.58
N ASP A 99 -7.95 -16.23 1.40
CA ASP A 99 -8.63 -16.97 0.33
C ASP A 99 -7.69 -17.56 -0.71
N LEU A 100 -6.39 -17.50 -0.47
CA LEU A 100 -5.43 -18.07 -1.41
C LEU A 100 -5.66 -19.57 -1.66
N PRO A 101 -6.01 -20.37 -0.62
CA PRO A 101 -6.36 -21.77 -0.92
C PRO A 101 -7.45 -21.94 -1.97
N THR A 102 -8.47 -21.09 -1.98
CA THR A 102 -9.48 -21.10 -3.04
C THR A 102 -8.87 -20.81 -4.41
N PHE A 103 -8.04 -19.77 -4.47
CA PHE A 103 -7.33 -19.39 -5.69
C PHE A 103 -6.53 -20.57 -6.24
N ILE A 104 -5.81 -21.24 -5.35
CA ILE A 104 -5.00 -22.40 -5.73
C ILE A 104 -5.86 -23.58 -6.17
N GLN A 105 -6.93 -23.85 -5.43
CA GLN A 105 -7.82 -24.95 -5.77
C GLN A 105 -8.41 -24.77 -7.16
N MET A 106 -8.79 -23.55 -7.48
CA MET A 106 -9.36 -23.27 -8.80
C MET A 106 -8.28 -23.28 -9.86
N GLY A 107 -7.03 -23.11 -9.43
CA GLY A 107 -5.89 -23.21 -10.32
C GLY A 107 -5.59 -24.64 -10.72
N ARG A 108 -6.09 -25.59 -9.94
CA ARG A 108 -5.91 -27.00 -10.23
C ARG A 108 -7.09 -27.52 -11.07
N ASP A 109 -7.95 -26.61 -11.52
CA ASP A 109 -9.12 -26.98 -12.30
C ASP A 109 -8.82 -27.25 -13.77
N LYS A 110 -8.26 -26.25 -14.47
CA LYS A 110 -8.03 -26.38 -15.91
C LYS A 110 -6.67 -25.86 -16.37
N ASN A 111 -5.92 -26.72 -17.05
CA ASN A 111 -4.63 -26.37 -17.64
C ASN A 111 -4.23 -27.41 -18.68
N GLN A 116 0.19 -24.50 -18.65
CA GLN A 116 1.61 -24.30 -18.40
C GLN A 116 1.91 -22.84 -18.04
N THR A 117 2.51 -22.62 -16.86
CA THR A 117 2.70 -21.27 -16.33
C THR A 117 3.91 -21.13 -15.40
N VAL A 118 4.66 -20.05 -15.57
CA VAL A 118 5.73 -19.72 -14.64
C VAL A 118 5.27 -18.56 -13.75
N LEU A 119 5.40 -18.75 -12.44
CA LEU A 119 4.90 -17.74 -11.51
C LEU A 119 6.02 -17.10 -10.69
N CYS A 120 6.20 -15.80 -10.90
CA CYS A 120 7.10 -15.02 -10.07
C CYS A 120 6.33 -14.48 -8.88
N ALA A 121 6.82 -14.81 -7.68
CA ALA A 121 6.10 -14.45 -6.46
C ALA A 121 7.04 -13.86 -5.43
N THR A 122 6.54 -12.89 -4.67
CA THR A 122 7.34 -12.24 -3.65
C THR A 122 6.44 -12.07 -2.45
N GLY A 123 6.96 -11.44 -1.40
CA GLY A 123 6.24 -11.33 -0.14
C GLY A 123 6.45 -12.58 0.70
N GLY A 124 6.14 -12.50 1.99
CA GLY A 124 6.34 -13.62 2.89
C GLY A 124 5.61 -14.90 2.49
N GLY A 125 4.45 -14.76 1.86
CA GLY A 125 3.66 -15.93 1.49
C GLY A 125 4.25 -16.70 0.32
N ALA A 126 5.20 -16.10 -0.38
CA ALA A 126 5.88 -16.80 -1.46
C ALA A 126 6.65 -17.96 -0.84
N TYR A 127 7.11 -17.75 0.38
CA TYR A 127 7.79 -18.81 1.13
C TYR A 127 6.79 -19.71 1.87
N LYS A 128 5.86 -19.09 2.59
CA LYS A 128 4.91 -19.87 3.39
C LYS A 128 4.08 -20.82 2.54
N PHE A 129 3.64 -20.35 1.38
CA PHE A 129 2.75 -21.18 0.52
C PHE A 129 3.47 -21.82 -0.65
N GLU A 130 4.79 -21.88 -0.59
CA GLU A 130 5.58 -22.50 -1.66
C GLU A 130 5.06 -23.88 -2.09
N LYS A 131 4.94 -24.77 -1.11
CA LYS A 131 4.52 -26.15 -1.36
C LYS A 131 3.10 -26.23 -1.93
N ASP A 132 2.26 -25.31 -1.50
CA ASP A 132 0.88 -25.27 -1.99
C ASP A 132 0.83 -24.93 -3.49
N PHE A 133 1.59 -23.93 -3.92
CA PHE A 133 1.65 -23.59 -5.35
C PHE A 133 2.18 -24.75 -6.16
N ARG A 134 3.04 -25.56 -5.56
CA ARG A 134 3.58 -26.69 -6.29
C ARG A 134 2.59 -27.84 -6.41
N THR A 135 1.40 -27.72 -5.82
CA THR A 135 0.37 -28.75 -6.07
C THR A 135 -0.23 -28.55 -7.45
N ILE A 136 0.01 -27.39 -8.05
CA ILE A 136 -0.35 -27.16 -9.44
C ILE A 136 0.74 -27.75 -10.32
N GLY A 137 0.44 -28.84 -11.00
CA GLY A 137 1.44 -29.62 -11.73
C GLY A 137 2.21 -28.85 -12.79
N ASN A 138 1.49 -28.03 -13.55
CA ASN A 138 2.11 -27.29 -14.66
C ASN A 138 2.52 -25.90 -14.20
N LEU A 139 3.32 -25.82 -13.15
CA LEU A 139 3.72 -24.55 -12.57
C LEU A 139 5.09 -24.57 -11.92
N HIS A 140 5.96 -23.66 -12.35
CA HIS A 140 7.20 -23.43 -11.63
C HIS A 140 7.13 -22.11 -10.88
N LEU A 141 7.47 -22.16 -9.59
CA LEU A 141 7.40 -21.01 -8.71
C LEU A 141 8.79 -20.44 -8.44
N HIS A 142 9.01 -19.20 -8.87
CA HIS A 142 10.26 -18.51 -8.59
C HIS A 142 10.06 -17.47 -7.52
N LYS A 143 10.65 -17.69 -6.35
CA LYS A 143 10.54 -16.72 -5.26
C LYS A 143 11.51 -15.57 -5.47
N LEU A 144 11.03 -14.34 -5.33
CA LEU A 144 11.87 -13.17 -5.49
C LEU A 144 11.87 -12.36 -4.21
N ASP A 145 12.99 -11.70 -3.93
CA ASP A 145 13.10 -10.93 -2.69
C ASP A 145 12.20 -9.69 -2.72
N GLU A 146 11.45 -9.53 -1.63
CA GLU A 146 10.52 -8.42 -1.42
C GLU A 146 11.14 -7.05 -1.70
N LEU A 147 12.41 -6.89 -1.37
CA LEU A 147 13.09 -5.61 -1.49
C LEU A 147 13.36 -5.25 -2.93
N ASP A 148 13.94 -6.20 -3.65
CA ASP A 148 14.24 -5.98 -5.05
C ASP A 148 12.96 -5.71 -5.83
N CYS A 149 11.87 -6.38 -5.45
CA CYS A 149 10.61 -6.27 -6.18
C CYS A 149 9.96 -4.90 -5.98
N LEU A 150 9.89 -4.49 -4.72
CA LEU A 150 9.31 -3.19 -4.37
C LEU A 150 10.06 -2.06 -5.08
N VAL A 151 11.38 -2.07 -4.97
CA VAL A 151 12.19 -1.02 -5.57
C VAL A 151 12.11 -1.05 -7.09
N LYS A 152 12.29 -2.22 -7.69
CA LYS A 152 12.18 -2.32 -9.14
C LYS A 152 10.78 -1.94 -9.63
N GLY A 153 9.75 -2.37 -8.92
CA GLY A 153 8.38 -2.07 -9.30
C GLY A 153 8.04 -0.60 -9.21
N LEU A 154 8.43 0.04 -8.11
CA LEU A 154 8.21 1.47 -7.93
C LEU A 154 8.93 2.28 -9.00
N LEU A 155 10.21 2.00 -9.20
CA LEU A 155 10.98 2.74 -10.19
C LEU A 155 10.48 2.51 -11.62
N TYR A 156 9.93 1.33 -11.89
CA TYR A 156 9.43 1.03 -13.23
C TYR A 156 8.15 1.79 -13.55
N ILE A 157 7.18 1.71 -12.65
CA ILE A 157 5.89 2.35 -12.84
C ILE A 157 6.04 3.86 -12.96
N ASP A 158 6.88 4.45 -12.12
CA ASP A 158 7.09 5.89 -12.20
C ASP A 158 7.76 6.25 -13.52
N SER A 159 8.56 5.32 -14.05
CA SER A 159 9.24 5.59 -15.30
C SER A 159 8.32 5.54 -16.52
N VAL A 160 7.30 4.67 -16.50
CA VAL A 160 6.40 4.57 -17.65
C VAL A 160 5.22 5.54 -17.53
N SER A 161 5.08 6.13 -16.35
CA SER A 161 3.99 7.04 -15.99
C SER A 161 2.63 6.33 -15.87
N PHE A 162 1.67 7.02 -15.27
CA PHE A 162 0.31 6.54 -15.13
C PHE A 162 -0.50 7.02 -16.34
N ASN A 163 -0.29 6.35 -17.47
CA ASN A 163 -0.93 6.72 -18.75
C ASN A 163 -0.68 8.18 -19.13
N GLY A 164 0.54 8.66 -18.89
CA GLY A 164 0.91 10.02 -19.27
C GLY A 164 0.85 10.97 -18.08
N GLN A 165 0.13 10.57 -17.05
CA GLN A 165 0.02 11.37 -15.83
C GLN A 165 1.06 10.95 -14.80
N ALA A 166 1.33 11.83 -13.84
CA ALA A 166 2.26 11.53 -12.77
C ALA A 166 1.80 10.34 -11.97
N GLU A 167 2.75 9.45 -11.67
CA GLU A 167 2.46 8.37 -10.77
C GLU A 167 2.59 8.90 -9.35
N CYS A 168 3.40 9.94 -9.16
CA CYS A 168 3.71 10.43 -7.80
C CYS A 168 3.08 11.79 -7.53
N TYR A 169 2.57 11.99 -6.32
CA TYR A 169 1.93 13.25 -5.95
C TYR A 169 2.19 13.61 -4.49
N TYR A 170 1.96 14.88 -4.16
CA TYR A 170 2.10 15.36 -2.79
C TYR A 170 0.97 16.32 -2.48
N PHE A 171 0.81 16.67 -1.21
CA PHE A 171 -0.22 17.63 -0.85
C PHE A 171 0.42 18.98 -0.61
N ALA A 172 0.21 19.87 -1.57
CA ALA A 172 0.73 21.22 -1.52
C ALA A 172 0.10 21.97 -0.35
N ASN A 173 0.89 22.82 0.30
CA ASN A 173 0.46 23.58 1.48
C ASN A 173 -0.30 22.69 2.47
N ALA A 174 0.34 21.60 2.87
CA ALA A 174 -0.33 20.58 3.68
C ALA A 174 -0.75 21.09 5.06
N SER A 175 -0.31 22.28 5.43
CA SER A 175 -0.62 22.81 6.75
C SER A 175 -1.89 23.69 6.77
N GLU A 176 -2.33 24.13 5.60
CA GLU A 176 -3.53 24.97 5.50
C GLU A 176 -4.64 24.28 4.73
N PRO A 177 -5.70 23.85 5.44
CA PRO A 177 -6.80 23.07 4.84
C PRO A 177 -7.56 23.79 3.72
N GLU A 178 -7.54 25.12 3.72
CA GLU A 178 -8.26 25.88 2.71
C GLU A 178 -7.53 25.85 1.37
N ARG A 179 -6.21 25.65 1.42
CA ARG A 179 -5.38 25.70 0.23
C ARG A 179 -4.72 24.35 -0.09
N CYS A 180 -4.86 23.39 0.82
CA CYS A 180 -4.25 22.07 0.68
C CYS A 180 -4.87 21.27 -0.46
N GLN A 181 -4.05 20.81 -1.40
CA GLN A 181 -4.55 20.03 -2.53
C GLN A 181 -3.50 19.11 -3.14
N LYS A 182 -3.97 17.97 -3.63
CA LYS A 182 -3.16 16.97 -4.33
C LYS A 182 -2.50 17.54 -5.59
N MET A 183 -1.17 17.47 -5.66
CA MET A 183 -0.41 17.96 -6.81
C MET A 183 0.60 16.91 -7.26
N PRO A 184 0.75 16.73 -8.57
CA PRO A 184 1.76 15.81 -9.12
C PRO A 184 3.17 16.16 -8.66
N PHE A 185 4.04 15.16 -8.53
CA PHE A 185 5.41 15.37 -8.08
C PHE A 185 6.36 14.61 -9.02
N ASN A 186 7.46 15.25 -9.41
CA ASN A 186 8.36 14.63 -10.38
C ASN A 186 9.50 13.84 -9.74
N LEU A 187 9.60 12.56 -10.11
CA LEU A 187 10.67 11.68 -9.61
C LEU A 187 11.63 11.21 -10.69
N ASP A 188 11.93 12.06 -11.67
CA ASP A 188 12.82 11.68 -12.76
C ASP A 188 14.22 11.31 -12.26
N ASP A 189 14.65 11.96 -11.20
CA ASP A 189 15.87 11.55 -10.49
C ASP A 189 15.47 11.20 -9.06
N PRO A 190 15.12 9.93 -8.85
CA PRO A 190 14.46 9.49 -7.62
C PRO A 190 15.41 9.16 -6.47
N TYR A 191 16.67 9.54 -6.56
CA TYR A 191 17.61 9.24 -5.48
C TYR A 191 18.16 10.48 -4.81
N PRO A 192 18.30 10.45 -3.47
CA PRO A 192 17.91 9.30 -2.64
C PRO A 192 16.43 9.31 -2.30
N LEU A 193 15.94 8.20 -1.73
CA LEU A 193 14.53 8.06 -1.44
C LEU A 193 14.31 7.22 -0.19
N LEU A 194 13.44 7.68 0.71
CA LEU A 194 12.98 6.83 1.81
C LEU A 194 11.60 6.27 1.45
N VAL A 195 11.49 4.95 1.43
CA VAL A 195 10.24 4.29 1.12
C VAL A 195 9.63 3.72 2.39
N VAL A 196 8.42 4.15 2.74
CA VAL A 196 7.74 3.66 3.93
C VAL A 196 6.56 2.81 3.52
N ASN A 197 6.71 1.50 3.70
CA ASN A 197 5.76 0.52 3.22
C ASN A 197 4.80 0.14 4.33
N ILE A 198 3.59 0.66 4.28
CA ILE A 198 2.63 0.43 5.34
C ILE A 198 1.67 -0.65 4.92
N GLY A 199 1.96 -1.89 5.34
CA GLY A 199 1.06 -3.00 5.08
C GLY A 199 0.49 -3.50 6.41
N SER A 200 0.53 -4.81 6.64
CA SER A 200 0.19 -5.35 7.96
C SER A 200 1.10 -4.71 9.03
N GLY A 201 2.40 -4.72 8.77
CA GLY A 201 3.36 -4.04 9.62
C GLY A 201 3.95 -2.90 8.78
N VAL A 202 5.08 -2.35 9.19
CA VAL A 202 5.66 -1.23 8.44
C VAL A 202 7.10 -1.53 8.19
N SER A 203 7.52 -1.48 6.93
CA SER A 203 8.93 -1.61 6.59
C SER A 203 9.45 -0.29 6.05
N ILE A 204 10.65 0.12 6.44
CA ILE A 204 11.23 1.35 5.90
C ILE A 204 12.55 1.10 5.20
N LEU A 205 12.62 1.54 3.94
CA LEU A 205 13.78 1.36 3.08
C LEU A 205 14.44 2.67 2.71
N ALA A 206 15.77 2.65 2.62
CA ALA A 206 16.49 3.79 2.09
C ALA A 206 17.05 3.39 0.75
N VAL A 207 16.68 4.13 -0.30
CA VAL A 207 17.13 3.81 -1.62
C VAL A 207 18.12 4.88 -2.07
N HIS A 208 19.37 4.48 -2.29
CA HIS A 208 20.42 5.41 -2.70
C HIS A 208 20.67 5.32 -4.20
N SER A 209 20.40 4.15 -4.77
CA SER A 209 20.49 3.96 -6.21
C SER A 209 19.66 2.75 -6.63
N LYS A 210 19.60 2.50 -7.94
CA LYS A 210 18.85 1.35 -8.45
C LYS A 210 19.46 0.05 -7.96
N ASP A 211 20.76 0.10 -7.65
CA ASP A 211 21.48 -1.09 -7.21
C ASP A 211 21.88 -1.02 -5.73
N ASN A 212 21.48 0.06 -5.06
CA ASN A 212 21.93 0.31 -3.69
C ASN A 212 20.79 0.77 -2.77
N TYR A 213 20.26 -0.15 -1.98
CA TYR A 213 19.19 0.15 -1.04
C TYR A 213 19.24 -0.79 0.14
N LYS A 214 18.71 -0.35 1.27
CA LYS A 214 18.72 -1.14 2.48
C LYS A 214 17.47 -0.93 3.31
N ARG A 215 16.99 -1.99 3.96
CA ARG A 215 15.95 -1.84 4.98
C ARG A 215 16.55 -1.13 6.19
N VAL A 216 15.98 0.01 6.54
CA VAL A 216 16.51 0.85 7.61
C VAL A 216 16.02 0.35 8.95
N THR A 217 14.72 0.13 9.03
CA THR A 217 14.07 -0.34 10.23
C THR A 217 12.66 -0.75 9.86
N GLY A 218 11.82 -0.89 10.87
CA GLY A 218 10.41 -1.11 10.68
C GLY A 218 9.67 -0.81 11.96
N THR A 219 8.35 -0.92 11.92
CA THR A 219 7.55 -0.91 13.13
C THR A 219 6.43 -1.92 12.95
N SER A 220 6.02 -2.56 14.04
CA SER A 220 4.93 -3.53 13.99
C SER A 220 3.59 -2.82 14.17
N LEU A 221 3.61 -1.50 14.32
CA LEU A 221 2.36 -0.77 14.46
C LEU A 221 1.96 -0.24 13.09
N GLY A 222 1.26 -1.07 12.33
CA GLY A 222 0.91 -0.71 10.96
C GLY A 222 -0.57 -0.90 10.66
N GLY A 223 -0.87 -1.22 9.41
CA GLY A 223 -2.25 -1.32 8.99
C GLY A 223 -3.07 -2.38 9.70
N GLY A 224 -2.42 -3.48 10.10
CA GLY A 224 -3.13 -4.57 10.74
C GLY A 224 -3.40 -4.19 12.20
N THR A 225 -2.56 -3.32 12.75
CA THR A 225 -2.78 -2.78 14.11
C THR A 225 -4.03 -1.93 14.08
N PHE A 226 -4.11 -1.04 13.08
CA PHE A 226 -5.30 -0.22 12.94
C PHE A 226 -6.54 -1.08 12.80
N LEU A 227 -6.50 -2.02 11.87
CA LEU A 227 -7.67 -2.85 11.60
C LEU A 227 -8.02 -3.76 12.77
N GLY A 228 -7.01 -4.38 13.39
CA GLY A 228 -7.25 -5.26 14.53
C GLY A 228 -7.81 -4.51 15.72
N LEU A 229 -7.17 -3.40 16.09
CA LEU A 229 -7.66 -2.62 17.25
C LEU A 229 -9.03 -2.05 16.99
N CYS A 230 -9.21 -1.53 15.79
CA CYS A 230 -10.49 -0.96 15.43
C CYS A 230 -11.62 -1.98 15.49
N SER A 231 -11.35 -3.21 15.05
CA SER A 231 -12.34 -4.27 15.16
C SER A 231 -12.63 -4.68 16.62
N LEU A 232 -11.61 -4.72 17.46
CA LEU A 232 -11.83 -4.98 18.88
C LEU A 232 -12.65 -3.87 19.54
N LEU A 233 -12.31 -2.62 19.25
CA LEU A 233 -12.94 -1.48 19.92
C LEU A 233 -14.32 -1.11 19.40
N THR A 234 -14.55 -1.35 18.11
CA THR A 234 -15.78 -0.86 17.49
C THR A 234 -16.63 -1.96 16.86
N GLY A 235 -16.06 -3.14 16.68
CA GLY A 235 -16.81 -4.24 16.10
C GLY A 235 -17.00 -4.11 14.59
N CYS A 236 -16.26 -3.20 13.96
CA CYS A 236 -16.33 -3.05 12.51
C CYS A 236 -15.87 -4.34 11.83
N GLU A 237 -16.41 -4.64 10.65
CA GLU A 237 -16.10 -5.91 10.02
C GLU A 237 -15.41 -5.75 8.66
N SER A 238 -15.00 -4.54 8.32
CA SER A 238 -14.17 -4.33 7.13
C SER A 238 -13.29 -3.10 7.25
N PHE A 239 -12.19 -3.08 6.51
CA PHE A 239 -11.32 -1.90 6.43
C PHE A 239 -12.10 -0.66 6.03
N GLU A 240 -12.96 -0.78 5.01
CA GLU A 240 -13.75 0.36 4.55
C GLU A 240 -14.74 0.88 5.61
N GLU A 241 -15.40 -0.03 6.31
CA GLU A 241 -16.31 0.36 7.38
C GLU A 241 -15.55 1.11 8.49
N ALA A 242 -14.36 0.61 8.81
CA ALA A 242 -13.51 1.25 9.81
C ALA A 242 -13.17 2.69 9.41
N LEU A 243 -12.81 2.90 8.15
CA LEU A 243 -12.53 4.25 7.65
C LEU A 243 -13.77 5.12 7.68
N GLU A 244 -14.91 4.56 7.28
CA GLU A 244 -16.18 5.29 7.34
C GLU A 244 -16.54 5.71 8.76
N MET A 245 -16.35 4.81 9.73
CA MET A 245 -16.56 5.17 11.14
C MET A 245 -15.62 6.31 11.54
N ALA A 246 -14.35 6.19 11.17
CA ALA A 246 -13.35 7.18 11.55
C ALA A 246 -13.67 8.57 11.00
N SER A 247 -14.32 8.62 9.84
CA SER A 247 -14.58 9.91 9.21
C SER A 247 -15.67 10.68 9.95
N LYS A 248 -16.43 9.97 10.78
CA LYS A 248 -17.53 10.58 11.53
C LYS A 248 -17.15 10.87 12.98
N GLY A 249 -15.93 10.51 13.36
CA GLY A 249 -15.52 10.57 14.75
C GLY A 249 -14.80 11.84 15.16
N ASP A 250 -14.60 11.98 16.47
CA ASP A 250 -13.78 13.05 17.02
C ASP A 250 -12.75 12.36 17.92
N SER A 251 -11.50 12.28 17.47
CA SER A 251 -10.46 11.57 18.23
C SER A 251 -10.14 12.25 19.56
N THR A 252 -10.46 13.53 19.68
CA THR A 252 -10.11 14.25 20.90
C THR A 252 -10.94 13.76 22.10
N GLN A 253 -12.00 12.99 21.83
CA GLN A 253 -12.79 12.40 22.91
C GLN A 253 -12.01 11.26 23.59
N ALA A 254 -11.12 10.61 22.86
CA ALA A 254 -10.32 9.53 23.43
C ALA A 254 -8.92 9.97 23.82
N ASP A 255 -8.34 10.90 23.07
CA ASP A 255 -6.95 11.36 23.28
C ASP A 255 -6.87 12.46 24.35
N LYS A 256 -5.80 12.44 25.14
CA LYS A 256 -5.52 13.55 26.05
C LYS A 256 -4.59 14.52 25.33
N LEU A 257 -4.97 15.79 25.28
CA LEU A 257 -4.27 16.78 24.47
C LEU A 257 -3.33 17.59 25.33
N VAL A 258 -2.39 18.29 24.69
CA VAL A 258 -1.50 19.16 25.44
C VAL A 258 -2.27 20.13 26.34
N ARG A 259 -3.35 20.71 25.82
CA ARG A 259 -4.08 21.68 26.63
C ARG A 259 -4.84 21.01 27.78
N ASP A 260 -5.06 19.69 27.73
CA ASP A 260 -5.68 19.01 28.88
C ASP A 260 -4.69 18.94 30.04
N ILE A 261 -3.41 19.02 29.72
CA ILE A 261 -2.35 18.88 30.74
C ILE A 261 -1.82 20.21 31.19
N TYR A 262 -1.65 21.14 30.23
CA TYR A 262 -1.07 22.43 30.54
C TYR A 262 -2.12 23.51 30.77
N GLY A 263 -3.33 23.27 30.29
CA GLY A 263 -4.36 24.30 30.32
C GLY A 263 -4.32 25.14 29.05
N GLY A 264 -3.27 24.95 28.26
CA GLY A 264 -3.07 25.71 27.03
C GLY A 264 -1.91 25.15 26.23
N ASP A 265 -1.12 26.02 25.60
CA ASP A 265 0.04 25.56 24.85
C ASP A 265 1.27 25.40 25.72
N TYR A 266 2.19 24.55 25.28
CA TYR A 266 3.53 24.47 25.88
C TYR A 266 4.47 25.27 25.00
N GLU A 267 4.67 26.53 25.37
CA GLU A 267 5.47 27.45 24.55
C GLU A 267 6.95 27.08 24.49
N ARG A 268 7.52 26.74 25.65
CA ARG A 268 8.97 26.51 25.75
C ARG A 268 9.46 25.49 24.73
N PHE A 269 8.61 24.53 24.36
CA PHE A 269 9.00 23.53 23.37
C PHE A 269 8.10 23.51 22.15
N GLY A 270 7.30 24.57 21.99
CA GLY A 270 6.51 24.76 20.80
C GLY A 270 5.54 23.64 20.51
N LEU A 271 4.99 23.05 21.57
CA LEU A 271 3.91 22.08 21.42
C LEU A 271 2.57 22.82 21.54
N PRO A 272 1.79 22.86 20.44
CA PRO A 272 0.51 23.57 20.49
C PRO A 272 -0.49 22.85 21.40
N GLY A 273 -1.46 23.57 21.93
CA GLY A 273 -2.46 23.03 22.83
C GLY A 273 -3.26 21.89 22.22
N TRP A 274 -3.43 21.91 20.90
CA TRP A 274 -4.23 20.89 20.20
C TRP A 274 -3.45 19.61 19.89
N ALA A 275 -2.13 19.63 20.05
CA ALA A 275 -1.37 18.41 19.79
C ALA A 275 -1.76 17.32 20.80
N VAL A 276 -1.63 16.09 20.40
CA VAL A 276 -1.96 14.97 21.27
C VAL A 276 -0.80 14.73 22.25
N ALA A 277 -1.07 14.76 23.55
CA ALA A 277 -0.04 14.44 24.53
C ALA A 277 -0.02 12.93 24.82
N SER A 278 -1.19 12.31 24.90
CA SER A 278 -1.27 10.90 25.24
C SER A 278 -2.40 10.25 24.47
N SER A 279 -2.07 9.41 23.49
CA SER A 279 -3.11 8.76 22.67
C SER A 279 -3.95 7.84 23.55
N PHE A 280 -5.27 7.87 23.37
CA PHE A 280 -6.23 7.16 24.23
C PHE A 280 -6.09 7.53 25.71
N GLY A 281 -5.39 8.61 26.00
CA GLY A 281 -5.08 8.92 27.39
C GLY A 281 -6.28 9.34 28.23
N ASN A 282 -7.36 9.75 27.58
CA ASN A 282 -8.58 10.11 28.32
C ASN A 282 -9.40 8.89 28.66
N MET A 283 -9.03 7.75 28.08
CA MET A 283 -9.76 6.51 28.32
C MET A 283 -9.37 5.84 29.65
N ILE A 284 -8.47 6.48 30.40
CA ILE A 284 -8.18 5.97 31.74
C ILE A 284 -9.27 6.36 32.71
N TYR A 285 -10.18 7.24 32.29
CA TYR A 285 -11.26 7.67 33.16
C TYR A 285 -12.54 6.95 32.77
N LYS A 286 -13.16 6.30 33.75
CA LYS A 286 -14.31 5.45 33.48
C LYS A 286 -15.46 6.24 32.85
N GLU A 287 -15.69 7.46 33.33
CA GLU A 287 -16.80 8.26 32.82
C GLU A 287 -16.59 8.64 31.35
N LYS A 288 -15.35 8.81 30.93
CA LYS A 288 -15.08 9.12 29.53
C LYS A 288 -15.20 7.87 28.66
N ARG A 289 -14.76 6.72 29.18
CA ARG A 289 -14.93 5.46 28.43
C ARG A 289 -16.41 5.20 28.19
N GLU A 290 -17.25 5.54 29.17
CA GLU A 290 -18.68 5.33 29.05
C GLU A 290 -19.39 6.27 28.08
N SER A 291 -18.76 7.39 27.73
CA SER A 291 -19.44 8.36 26.86
C SER A 291 -18.85 8.43 25.45
N VAL A 292 -17.72 7.76 25.22
CA VAL A 292 -17.07 7.80 23.90
C VAL A 292 -17.88 6.97 22.90
N SER A 293 -17.93 7.41 21.65
CA SER A 293 -18.63 6.66 20.60
C SER A 293 -17.66 5.73 19.87
N LYS A 294 -18.20 4.70 19.21
CA LYS A 294 -17.42 3.86 18.30
C LYS A 294 -16.63 4.67 17.27
N GLU A 295 -17.31 5.67 16.69
CA GLU A 295 -16.71 6.49 15.68
C GLU A 295 -15.51 7.27 16.21
N ASP A 296 -15.63 7.79 17.44
CA ASP A 296 -14.52 8.46 18.10
C ASP A 296 -13.34 7.50 18.26
N LEU A 297 -13.62 6.26 18.65
CA LEU A 297 -12.57 5.27 18.87
C LEU A 297 -11.92 4.84 17.56
N ALA A 298 -12.71 4.73 16.49
CA ALA A 298 -12.13 4.43 15.17
C ALA A 298 -11.19 5.54 14.72
N ARG A 299 -11.61 6.79 14.87
CA ARG A 299 -10.77 7.91 14.46
C ARG A 299 -9.51 8.01 15.33
N ALA A 300 -9.64 7.83 16.65
CA ALA A 300 -8.46 7.86 17.51
C ALA A 300 -7.48 6.75 17.17
N THR A 301 -7.98 5.58 16.78
CA THR A 301 -7.11 4.50 16.36
C THR A 301 -6.33 4.87 15.09
N LEU A 302 -7.05 5.43 14.12
CA LEU A 302 -6.45 5.83 12.84
C LEU A 302 -5.40 6.91 13.08
N VAL A 303 -5.79 7.93 13.83
CA VAL A 303 -4.89 9.05 14.11
C VAL A 303 -3.64 8.58 14.87
N THR A 304 -3.85 7.78 15.91
CA THR A 304 -2.73 7.24 16.69
C THR A 304 -1.74 6.44 15.83
N ILE A 305 -2.22 5.47 15.06
CA ILE A 305 -1.34 4.63 14.24
C ILE A 305 -0.64 5.51 13.17
N THR A 306 -1.42 6.38 12.53
CA THR A 306 -0.87 7.21 11.45
C THR A 306 0.20 8.18 11.95
N ASN A 307 -0.09 8.94 13.00
CA ASN A 307 0.93 9.85 13.55
C ASN A 307 2.18 9.13 14.06
N ASN A 308 2.03 7.93 14.61
CA ASN A 308 3.22 7.20 15.06
C ASN A 308 4.12 6.81 13.86
N ILE A 309 3.49 6.39 12.76
CA ILE A 309 4.23 6.10 11.53
C ILE A 309 4.90 7.36 10.98
N GLY A 310 4.19 8.47 10.99
CA GLY A 310 4.77 9.74 10.55
C GLY A 310 5.99 10.11 11.36
N SER A 311 5.91 9.90 12.67
CA SER A 311 7.02 10.27 13.52
C SER A 311 8.22 9.35 13.30
N VAL A 312 7.96 8.05 13.16
CA VAL A 312 9.04 7.11 12.88
C VAL A 312 9.67 7.43 11.51
N ALA A 313 8.81 7.73 10.53
CA ALA A 313 9.29 8.11 9.20
C ALA A 313 10.21 9.32 9.27
N ARG A 314 9.81 10.32 10.04
CA ARG A 314 10.65 11.52 10.17
C ARG A 314 12.02 11.22 10.80
N MET A 315 12.04 10.34 11.81
CA MET A 315 13.30 10.04 12.49
C MET A 315 14.27 9.31 11.57
N CYS A 316 13.74 8.35 10.79
CA CYS A 316 14.57 7.63 9.82
C CYS A 316 15.14 8.55 8.77
N ALA A 317 14.29 9.44 8.27
CA ALA A 317 14.71 10.36 7.21
C ALA A 317 15.83 11.26 7.72
N VAL A 318 15.66 11.80 8.93
CA VAL A 318 16.72 12.61 9.51
C VAL A 318 18.00 11.76 9.66
N ASN A 319 17.84 10.53 10.10
CA ASN A 319 18.98 9.64 10.29
C ASN A 319 19.68 9.30 8.99
N GLU A 320 18.90 9.09 7.94
CA GLU A 320 19.44 8.67 6.66
C GLU A 320 19.85 9.86 5.80
N LYS A 321 19.58 11.07 6.30
CA LYS A 321 19.79 12.31 5.57
C LYS A 321 19.05 12.29 4.22
N ILE A 322 17.76 11.96 4.26
CA ILE A 322 16.95 11.90 3.04
C ILE A 322 15.73 12.79 3.25
N ASN A 323 15.41 13.66 2.29
CA ASN A 323 14.29 14.58 2.52
C ASN A 323 13.01 14.23 1.77
N ARG A 324 13.07 13.22 0.91
CA ARG A 324 11.87 12.75 0.22
C ARG A 324 11.40 11.41 0.79
N VAL A 325 10.21 11.41 1.37
CA VAL A 325 9.64 10.19 1.95
C VAL A 325 8.41 9.75 1.18
N VAL A 326 8.52 8.59 0.54
CA VAL A 326 7.37 8.03 -0.17
C VAL A 326 6.67 6.96 0.65
N PHE A 327 5.35 7.11 0.75
CA PHE A 327 4.54 6.16 1.49
C PHE A 327 3.80 5.23 0.53
N VAL A 328 3.92 3.92 0.73
CA VAL A 328 3.19 2.95 -0.08
C VAL A 328 2.48 1.92 0.81
N GLY A 329 1.91 0.89 0.20
CA GLY A 329 1.17 -0.12 0.90
C GLY A 329 -0.30 0.21 0.96
N ASN A 330 -1.13 -0.75 1.35
CA ASN A 330 -2.58 -0.60 1.20
C ASN A 330 -3.30 0.01 2.40
N PHE A 331 -2.56 0.28 3.48
CA PHE A 331 -3.15 1.03 4.59
C PHE A 331 -3.65 2.39 4.10
N LEU A 332 -3.01 2.92 3.07
CA LEU A 332 -3.38 4.23 2.54
C LEU A 332 -4.41 4.21 1.39
N ARG A 333 -4.79 3.04 0.88
CA ARG A 333 -5.80 3.06 -0.18
C ARG A 333 -7.13 3.53 0.38
N VAL A 334 -7.85 4.29 -0.44
CA VAL A 334 -9.07 5.05 -0.12
C VAL A 334 -9.04 5.66 1.29
N ASN A 335 -7.85 6.10 1.70
CA ASN A 335 -7.61 6.64 3.04
C ASN A 335 -6.97 8.02 2.97
N THR A 336 -7.75 8.99 2.53
CA THR A 336 -7.29 10.37 2.41
C THR A 336 -6.92 10.99 3.75
N LEU A 337 -7.68 10.65 4.79
CA LEU A 337 -7.38 11.15 6.14
C LEU A 337 -5.94 10.86 6.53
N SER A 338 -5.53 9.60 6.44
CA SER A 338 -4.17 9.25 6.84
C SER A 338 -3.12 9.92 5.97
N MET A 339 -3.40 10.06 4.67
CA MET A 339 -2.46 10.73 3.77
C MET A 339 -2.24 12.18 4.19
N LYS A 340 -3.33 12.89 4.46
CA LYS A 340 -3.23 14.28 4.88
C LYS A 340 -2.55 14.43 6.24
N LEU A 341 -2.82 13.49 7.16
CA LEU A 341 -2.14 13.47 8.46
C LEU A 341 -0.64 13.32 8.27
N LEU A 342 -0.24 12.39 7.40
CA LEU A 342 1.18 12.18 7.12
C LEU A 342 1.81 13.41 6.48
N ALA A 343 1.13 13.97 5.47
CA ALA A 343 1.64 15.15 4.79
C ALA A 343 1.81 16.33 5.76
N TYR A 344 0.83 16.49 6.64
CA TYR A 344 0.85 17.64 7.54
C TYR A 344 1.96 17.47 8.56
N ALA A 345 2.13 16.24 9.04
CA ALA A 345 3.07 15.99 10.12
C ALA A 345 4.52 16.17 9.67
N LEU A 346 4.87 15.60 8.52
CA LEU A 346 6.24 15.73 8.01
C LEU A 346 6.57 17.19 7.74
N ASP A 347 5.63 17.91 7.12
CA ASP A 347 5.81 19.32 6.80
C ASP A 347 5.95 20.17 8.06
N TYR A 348 5.06 19.93 9.02
CA TYR A 348 5.08 20.71 10.28
C TYR A 348 6.39 20.51 11.03
N TRP A 349 6.63 19.28 11.46
CA TRP A 349 7.78 18.96 12.31
C TRP A 349 9.14 19.27 11.70
N SER A 350 9.22 19.31 10.37
CA SER A 350 10.51 19.51 9.69
C SER A 350 10.64 20.93 9.17
N LYS A 351 9.64 21.75 9.48
CA LYS A 351 9.56 23.12 9.02
C LYS A 351 9.69 23.22 7.50
N GLY A 352 9.21 22.18 6.82
CA GLY A 352 9.18 22.19 5.37
C GLY A 352 10.37 21.50 4.72
N GLN A 353 11.27 20.96 5.53
CA GLN A 353 12.43 20.26 4.99
C GLN A 353 12.06 18.89 4.42
N LEU A 354 11.06 18.25 5.02
CA LEU A 354 10.63 16.92 4.57
C LEU A 354 9.35 16.98 3.77
N LYS A 355 9.31 16.17 2.70
CA LYS A 355 8.18 16.07 1.82
C LYS A 355 7.55 14.69 1.88
N ALA A 356 6.28 14.60 2.25
CA ALA A 356 5.54 13.34 2.17
C ALA A 356 5.01 13.11 0.77
N LEU A 357 5.43 12.00 0.15
CA LEU A 357 5.05 11.71 -1.23
C LEU A 357 4.21 10.44 -1.29
N PHE A 358 3.30 10.39 -2.26
CA PHE A 358 2.37 9.27 -2.39
C PHE A 358 2.33 8.82 -3.84
N LEU A 359 1.84 7.61 -4.08
CA LEU A 359 1.90 6.97 -5.39
C LEU A 359 0.57 6.30 -5.69
N GLU A 360 0.05 6.51 -6.90
CA GLU A 360 -1.25 5.97 -7.31
C GLU A 360 -1.35 4.45 -7.22
N HIS A 361 -0.26 3.75 -7.53
CA HIS A 361 -0.25 2.30 -7.51
C HIS A 361 0.38 1.74 -6.23
N GLU A 362 0.19 2.45 -5.11
CA GLU A 362 1.00 2.15 -3.90
C GLU A 362 0.88 0.74 -3.31
N GLY A 363 -0.20 0.02 -3.57
CA GLY A 363 -0.30 -1.33 -3.03
C GLY A 363 0.36 -2.41 -3.88
N TYR A 364 0.75 -2.07 -5.11
CA TYR A 364 1.05 -3.08 -6.13
C TYR A 364 2.50 -3.15 -6.59
N PHE A 365 3.38 -2.37 -6.00
CA PHE A 365 4.74 -2.32 -6.54
C PHE A 365 5.49 -3.64 -6.44
N GLY A 366 5.30 -4.39 -5.36
CA GLY A 366 5.91 -5.71 -5.24
C GLY A 366 5.47 -6.65 -6.35
N ALA A 367 4.18 -6.62 -6.68
CA ALA A 367 3.64 -7.54 -7.68
C ALA A 367 4.20 -7.19 -9.06
N VAL A 368 4.38 -5.91 -9.32
CA VAL A 368 4.96 -5.47 -10.59
C VAL A 368 6.44 -5.86 -10.67
N GLY A 369 7.18 -5.66 -9.58
CA GLY A 369 8.59 -6.01 -9.57
C GLY A 369 8.78 -7.51 -9.76
N ALA A 370 7.91 -8.32 -9.15
CA ALA A 370 7.92 -9.75 -9.38
C ALA A 370 7.78 -10.07 -10.86
N LEU A 371 6.74 -9.52 -11.47
CA LEU A 371 6.49 -9.72 -12.89
C LEU A 371 7.72 -9.38 -13.73
N LEU A 372 8.41 -8.30 -13.37
CA LEU A 372 9.56 -7.85 -14.15
C LEU A 372 10.77 -8.78 -14.04
N GLY A 373 10.74 -9.69 -13.06
CA GLY A 373 11.82 -10.65 -12.89
C GLY A 373 11.68 -11.85 -13.80
N LEU A 374 10.61 -11.86 -14.58
CA LEU A 374 10.26 -12.98 -15.46
C LEU A 374 11.36 -13.38 -16.46
N PRO A 375 12.00 -12.40 -17.14
CA PRO A 375 13.03 -12.79 -18.11
C PRO A 375 14.21 -13.55 -17.50
N ASN A 376 14.50 -13.34 -16.23
CA ASN A 376 15.63 -13.99 -15.58
C ASN A 376 15.31 -15.44 -15.17
N PHE A 377 14.41 -16.08 -15.91
CA PHE A 377 14.07 -17.48 -15.68
C PHE A 377 13.77 -18.20 -16.99
#